data_1JQQ
#
_entry.id   1JQQ
#
_cell.length_a   104.199
_cell.length_b   50.441
_cell.length_c   74.773
_cell.angle_alpha   90.00
_cell.angle_beta   109.04
_cell.angle_gamma   90.00
#
_symmetry.space_group_name_H-M   'C 1 2 1'
#
loop_
_entity.id
_entity.type
_entity.pdbx_description
1 polymer 'PEROXISOMAL MEMBRANE PROTEIN PAS20'
2 water water
#
_entity_poly.entity_id   1
_entity_poly.type   'polypeptide(L)'
_entity_poly.pdbx_seq_one_letter_code
;ISEFGSEPIDPSKLEFARALYDFVPENPEMEVALKKGDLMAILSKKDPLGRDSDWWKVRTKNGNIGYIPYNYIEIIKRRK
KIEHVDDETRTH
;
_entity_poly.pdbx_strand_id   A,B,C,D
#
# COMPACT_ATOMS: atom_id res chain seq x y z
N ILE A 1 -20.56 14.59 28.49
CA ILE A 1 -20.70 14.41 27.03
C ILE A 1 -20.98 12.96 26.67
N SER A 2 -21.41 12.75 25.43
CA SER A 2 -21.70 11.41 24.92
C SER A 2 -20.46 11.03 24.13
N GLU A 3 -20.64 10.32 23.02
CA GLU A 3 -19.50 9.94 22.21
C GLU A 3 -19.31 11.05 21.18
N PHE A 4 -20.41 11.74 20.89
CA PHE A 4 -20.39 12.82 19.91
C PHE A 4 -20.87 14.15 20.47
N GLY A 5 -20.59 14.38 21.75
CA GLY A 5 -21.00 15.63 22.38
C GLY A 5 -22.21 15.57 23.29
N SER A 6 -22.85 16.72 23.51
CA SER A 6 -24.03 16.85 24.37
C SER A 6 -25.24 17.39 23.64
N GLU A 7 -25.03 18.33 22.72
CA GLU A 7 -26.16 18.88 21.99
C GLU A 7 -26.62 17.91 20.90
N PRO A 8 -27.94 17.85 20.66
CA PRO A 8 -28.45 16.95 19.62
C PRO A 8 -27.77 17.24 18.29
N ILE A 9 -27.67 16.22 17.43
CA ILE A 9 -27.02 16.37 16.14
C ILE A 9 -28.01 16.48 14.99
N ASP A 10 -27.62 17.21 13.95
CA ASP A 10 -28.44 17.39 12.78
C ASP A 10 -27.94 16.40 11.72
N PRO A 11 -28.75 15.37 11.42
CA PRO A 11 -28.45 14.30 10.44
C PRO A 11 -27.95 14.78 9.08
N SER A 12 -28.65 15.77 8.52
CA SER A 12 -28.32 16.33 7.22
C SER A 12 -27.16 17.28 7.39
N LYS A 13 -26.11 16.79 8.01
CA LYS A 13 -24.92 17.58 8.29
C LYS A 13 -23.76 16.58 8.39
N LEU A 14 -24.11 15.32 8.64
CA LEU A 14 -23.12 14.25 8.73
C LEU A 14 -22.59 14.02 7.31
N GLU A 15 -21.28 13.94 7.15
CA GLU A 15 -20.72 13.75 5.83
C GLU A 15 -19.98 12.44 5.75
N PHE A 16 -20.04 11.82 4.58
CA PHE A 16 -19.32 10.58 4.37
C PHE A 16 -18.28 10.88 3.30
N ALA A 17 -17.23 10.07 3.25
CA ALA A 17 -16.18 10.27 2.27
C ALA A 17 -15.67 8.95 1.69
N ARG A 18 -15.02 9.03 0.54
CA ARG A 18 -14.47 7.86 -0.12
C ARG A 18 -13.00 8.10 -0.28
N ALA A 19 -12.17 7.12 0.06
CA ALA A 19 -10.73 7.29 -0.08
C ALA A 19 -10.41 7.40 -1.57
N LEU A 20 -9.45 8.27 -1.89
CA LEU A 20 -9.00 8.45 -3.28
C LEU A 20 -7.73 7.62 -3.53
N TYR A 21 -6.87 7.51 -2.52
CA TYR A 21 -5.64 6.74 -2.64
C TYR A 21 -5.38 5.90 -1.40
N ASP A 22 -4.51 4.91 -1.53
CA ASP A 22 -4.15 4.07 -0.41
C ASP A 22 -3.37 4.96 0.53
N PHE A 23 -3.50 4.72 1.83
CA PHE A 23 -2.82 5.54 2.81
C PHE A 23 -2.29 4.73 3.98
N VAL A 24 -1.00 4.88 4.24
CA VAL A 24 -0.38 4.19 5.36
C VAL A 24 0.05 5.24 6.38
N PRO A 25 -0.47 5.14 7.59
CA PRO A 25 -0.18 6.07 8.68
C PRO A 25 1.30 6.23 8.97
N GLU A 26 1.73 7.46 9.16
CA GLU A 26 3.12 7.72 9.51
C GLU A 26 3.13 7.77 11.03
N ASN A 27 1.92 7.90 11.59
CA ASN A 27 1.68 7.91 13.04
C ASN A 27 0.53 6.92 13.33
N PRO A 28 0.87 5.65 13.57
CA PRO A 28 -0.07 4.56 13.85
C PRO A 28 -1.00 4.76 15.04
N GLU A 29 -0.68 5.70 15.90
CA GLU A 29 -1.52 5.91 17.07
C GLU A 29 -2.57 6.99 16.84
N MET A 30 -2.30 7.94 15.96
CA MET A 30 -3.24 9.02 15.67
C MET A 30 -4.00 8.86 14.36
N GLU A 31 -3.46 8.08 13.44
CA GLU A 31 -4.07 7.91 12.12
C GLU A 31 -4.59 6.51 11.84
N VAL A 32 -5.47 6.41 10.83
CA VAL A 32 -6.06 5.13 10.43
C VAL A 32 -5.61 4.80 9.00
N ALA A 33 -5.42 3.51 8.72
CA ALA A 33 -4.99 3.07 7.39
C ALA A 33 -6.10 3.24 6.37
N LEU A 34 -5.76 3.17 5.08
CA LEU A 34 -6.75 3.34 4.03
C LEU A 34 -6.40 2.68 2.71
N LYS A 35 -7.42 2.26 1.98
CA LYS A 35 -7.25 1.65 0.68
C LYS A 35 -8.15 2.45 -0.25
N LYS A 36 -7.66 2.77 -1.44
CA LYS A 36 -8.44 3.52 -2.39
C LYS A 36 -9.83 2.92 -2.52
N GLY A 37 -10.86 3.75 -2.31
CA GLY A 37 -12.22 3.27 -2.44
C GLY A 37 -12.98 3.18 -1.14
N ASP A 38 -12.27 2.88 -0.05
CA ASP A 38 -12.84 2.77 1.29
C ASP A 38 -13.83 3.88 1.69
N LEU A 39 -14.91 3.48 2.37
CA LEU A 39 -15.89 4.44 2.82
C LEU A 39 -15.55 4.77 4.26
N MET A 40 -16.06 5.89 4.75
CA MET A 40 -15.84 6.32 6.11
C MET A 40 -16.89 7.36 6.46
N ALA A 41 -16.98 7.67 7.74
CA ALA A 41 -17.90 8.70 8.19
C ALA A 41 -16.97 9.77 8.77
N ILE A 42 -17.19 11.03 8.42
CA ILE A 42 -16.34 12.10 8.96
C ILE A 42 -16.85 12.56 10.32
N LEU A 43 -16.06 12.32 11.36
CA LEU A 43 -16.47 12.73 12.69
C LEU A 43 -16.15 14.19 12.91
N SER A 44 -14.90 14.58 12.68
CA SER A 44 -14.54 15.99 12.87
C SER A 44 -13.38 16.50 12.00
N LYS A 45 -13.36 17.81 11.77
CA LYS A 45 -12.32 18.45 10.97
C LYS A 45 -11.41 19.32 11.83
N LYS A 46 -11.46 19.08 13.14
CA LYS A 46 -10.63 19.84 14.06
C LYS A 46 -9.51 18.94 14.53
N ASP A 47 -8.35 19.52 14.83
CA ASP A 47 -7.24 18.73 15.32
C ASP A 47 -7.58 18.36 16.77
N PRO A 48 -6.70 17.63 17.47
CA PRO A 48 -7.05 17.28 18.85
C PRO A 48 -7.14 18.48 19.81
N LEU A 49 -6.58 19.61 19.40
CA LEU A 49 -6.59 20.81 20.21
C LEU A 49 -7.82 21.70 19.93
N GLY A 50 -8.64 21.27 18.99
CA GLY A 50 -9.84 22.03 18.63
C GLY A 50 -9.67 22.93 17.42
N ARG A 51 -8.43 23.11 16.96
CA ARG A 51 -8.11 23.97 15.81
C ARG A 51 -8.53 23.36 14.48
N ASP A 52 -8.51 24.19 13.44
CA ASP A 52 -8.84 23.72 12.09
C ASP A 52 -7.61 22.95 11.63
N SER A 53 -7.80 21.93 10.79
CA SER A 53 -6.66 21.18 10.32
C SER A 53 -6.92 20.50 8.99
N ASP A 54 -5.85 20.06 8.36
CA ASP A 54 -5.95 19.36 7.10
C ASP A 54 -6.13 17.87 7.38
N TRP A 55 -6.09 17.54 8.67
CA TRP A 55 -6.26 16.16 9.10
C TRP A 55 -7.62 15.97 9.74
N TRP A 56 -8.50 15.19 9.11
CA TRP A 56 -9.82 14.96 9.65
C TRP A 56 -9.93 13.61 10.33
N LYS A 57 -10.76 13.55 11.37
CA LYS A 57 -10.96 12.32 12.13
C LYS A 57 -12.13 11.60 11.53
N VAL A 58 -11.91 10.34 11.17
CA VAL A 58 -12.96 9.56 10.55
C VAL A 58 -13.22 8.23 11.26
N ARG A 59 -14.31 7.61 10.84
CA ARG A 59 -14.73 6.31 11.34
C ARG A 59 -14.76 5.43 10.09
N THR A 60 -13.81 4.51 9.97
CA THR A 60 -13.72 3.65 8.80
C THR A 60 -14.72 2.50 8.80
N LYS A 61 -14.79 1.80 7.67
CA LYS A 61 -15.66 0.65 7.51
C LYS A 61 -15.47 -0.29 8.71
N ASN A 62 -14.20 -0.56 9.04
CA ASN A 62 -13.82 -1.44 10.14
C ASN A 62 -14.32 -1.00 11.51
N GLY A 63 -14.43 0.31 11.70
CA GLY A 63 -14.86 0.81 12.99
C GLY A 63 -13.68 1.53 13.65
N ASN A 64 -12.56 1.58 12.93
CA ASN A 64 -11.36 2.25 13.41
C ASN A 64 -11.67 3.74 13.40
N ILE A 65 -10.96 4.49 14.21
CA ILE A 65 -11.14 5.95 14.31
C ILE A 65 -9.78 6.63 14.37
N GLY A 66 -9.54 7.56 13.45
CA GLY A 66 -8.28 8.25 13.44
C GLY A 66 -8.25 9.32 12.41
N TYR A 67 -7.12 9.99 12.29
CA TYR A 67 -7.01 11.08 11.33
C TYR A 67 -6.50 10.67 9.97
N ILE A 68 -6.95 11.37 8.94
CA ILE A 68 -6.52 11.15 7.55
C ILE A 68 -6.41 12.49 6.88
N PRO A 69 -5.47 12.63 5.93
CA PRO A 69 -5.30 13.91 5.24
C PRO A 69 -6.56 14.20 4.45
N TYR A 70 -7.03 15.44 4.49
CA TYR A 70 -8.26 15.79 3.79
C TYR A 70 -8.17 15.60 2.27
N ASN A 71 -6.99 15.81 1.70
CA ASN A 71 -6.81 15.68 0.26
C ASN A 71 -6.70 14.22 -0.22
N TYR A 72 -6.74 13.29 0.74
CA TYR A 72 -6.69 11.86 0.42
C TYR A 72 -8.11 11.32 0.29
N ILE A 73 -9.11 12.11 0.64
CA ILE A 73 -10.49 11.64 0.56
C ILE A 73 -11.40 12.55 -0.23
N GLU A 74 -12.53 11.97 -0.63
CA GLU A 74 -13.51 12.65 -1.43
C GLU A 74 -14.83 12.62 -0.68
N ILE A 75 -15.38 13.80 -0.39
CA ILE A 75 -16.64 13.89 0.32
C ILE A 75 -17.75 13.55 -0.67
N ILE A 76 -18.53 12.54 -0.33
CA ILE A 76 -19.64 12.11 -1.19
C ILE A 76 -20.76 13.15 -1.27
N LYS A 77 -21.15 13.52 -2.49
CA LYS A 77 -22.22 14.49 -2.71
C LYS A 77 -23.62 13.83 -2.77
N ARG A 78 -24.66 14.65 -2.84
CA ARG A 78 -26.06 14.19 -2.83
C ARG A 78 -26.70 13.31 -3.93
N ARG A 79 -27.99 13.02 -3.69
CA ARG A 79 -28.84 12.19 -4.56
C ARG A 79 -28.48 12.22 -6.03
N ILE B 1 14.47 1.49 -34.61
CA ILE B 1 14.97 2.61 -33.76
C ILE B 1 15.86 2.13 -32.64
N SER B 2 16.01 3.02 -31.65
CA SER B 2 16.79 2.78 -30.43
C SER B 2 15.80 2.65 -29.29
N GLU B 3 16.30 2.45 -28.06
CA GLU B 3 15.42 2.34 -26.90
C GLU B 3 14.61 3.62 -26.67
N PHE B 4 15.15 4.76 -27.08
CA PHE B 4 14.45 6.03 -26.89
C PHE B 4 14.26 6.81 -28.19
N GLY B 5 13.98 6.08 -29.27
CA GLY B 5 13.76 6.70 -30.56
C GLY B 5 14.98 6.69 -31.44
N SER B 6 14.97 7.57 -32.45
CA SER B 6 16.07 7.68 -33.40
C SER B 6 16.87 8.95 -33.25
N GLU B 7 16.19 10.10 -33.21
CA GLU B 7 16.89 11.36 -33.12
C GLU B 7 17.44 11.67 -31.75
N PRO B 8 18.37 12.63 -31.68
CA PRO B 8 19.00 13.04 -30.42
C PRO B 8 18.02 13.63 -29.42
N ILE B 9 18.30 13.40 -28.15
CA ILE B 9 17.47 13.88 -27.09
C ILE B 9 18.20 15.02 -26.41
N ASP B 10 17.47 16.09 -26.13
CA ASP B 10 18.02 17.25 -25.48
C ASP B 10 17.81 16.94 -23.99
N PRO B 11 18.91 16.67 -23.27
CA PRO B 11 18.83 16.34 -21.85
C PRO B 11 18.13 17.39 -20.98
N SER B 12 18.02 18.61 -21.49
CA SER B 12 17.39 19.70 -20.76
C SER B 12 15.88 19.63 -20.71
N LYS B 13 15.30 18.79 -21.53
CA LYS B 13 13.85 18.65 -21.57
C LYS B 13 13.39 17.36 -20.88
N LEU B 14 14.35 16.61 -20.35
CA LEU B 14 14.05 15.37 -19.63
C LEU B 14 13.41 15.78 -18.32
N GLU B 15 12.23 15.21 -18.03
CA GLU B 15 11.52 15.55 -16.80
C GLU B 15 11.59 14.43 -15.77
N PHE B 16 11.57 14.81 -14.48
CA PHE B 16 11.60 13.85 -13.38
C PHE B 16 10.38 14.04 -12.50
N ALA B 17 10.06 13.03 -11.70
CA ALA B 17 8.89 13.12 -10.83
C ALA B 17 9.00 12.33 -9.53
N ARG B 18 8.20 12.72 -8.56
CA ARG B 18 8.13 12.05 -7.27
C ARG B 18 6.68 11.62 -7.06
N ALA B 19 6.48 10.35 -6.70
CA ALA B 19 5.12 9.88 -6.47
C ALA B 19 4.53 10.55 -5.23
N LEU B 20 3.29 11.01 -5.33
CA LEU B 20 2.62 11.65 -4.19
C LEU B 20 1.96 10.61 -3.28
N TYR B 21 1.47 9.53 -3.89
CA TYR B 21 0.80 8.48 -3.14
C TYR B 21 1.23 7.11 -3.59
N ASP B 22 0.93 6.11 -2.76
CA ASP B 22 1.24 4.73 -3.11
C ASP B 22 0.28 4.39 -4.24
N PHE B 23 0.73 3.55 -5.16
CA PHE B 23 -0.11 3.17 -6.28
C PHE B 23 0.03 1.70 -6.63
N VAL B 24 -1.11 1.02 -6.71
CA VAL B 24 -1.11 -0.37 -7.10
C VAL B 24 -1.80 -0.47 -8.44
N PRO B 25 -1.09 -1.00 -9.45
CA PRO B 25 -1.62 -1.15 -10.80
C PRO B 25 -2.92 -1.94 -10.88
N GLU B 26 -3.88 -1.41 -11.61
CA GLU B 26 -5.13 -2.13 -11.84
C GLU B 26 -4.89 -3.04 -13.06
N ASN B 27 -3.83 -2.71 -13.80
CA ASN B 27 -3.40 -3.46 -14.99
C ASN B 27 -1.89 -3.67 -14.88
N PRO B 28 -1.47 -4.78 -14.26
CA PRO B 28 -0.09 -5.20 -14.03
C PRO B 28 0.78 -5.32 -15.26
N GLU B 29 0.18 -5.34 -16.43
CA GLU B 29 1.00 -5.47 -17.63
C GLU B 29 1.34 -4.12 -18.23
N MET B 30 0.47 -3.14 -18.05
CA MET B 30 0.68 -1.81 -18.61
C MET B 30 1.19 -0.76 -17.62
N GLU B 31 0.96 -1.00 -16.33
CA GLU B 31 1.32 -0.03 -15.30
C GLU B 31 2.41 -0.47 -14.37
N VAL B 32 2.94 0.51 -13.62
CA VAL B 32 4.02 0.28 -12.65
C VAL B 32 3.51 0.63 -11.26
N ALA B 33 4.08 -0.04 -10.26
CA ALA B 33 3.67 0.19 -8.88
C ALA B 33 4.53 1.27 -8.26
N LEU B 34 3.91 2.15 -7.48
CA LEU B 34 4.64 3.24 -6.84
C LEU B 34 4.43 3.31 -5.34
N LYS B 35 5.42 3.85 -4.65
CA LYS B 35 5.34 4.07 -3.21
C LYS B 35 5.56 5.56 -3.04
N LYS B 36 4.79 6.20 -2.17
CA LYS B 36 4.94 7.65 -1.97
C LYS B 36 6.39 8.03 -1.77
N GLY B 37 6.86 9.00 -2.56
CA GLY B 37 8.24 9.44 -2.46
C GLY B 37 9.18 8.87 -3.50
N ASP B 38 8.68 7.97 -4.35
CA ASP B 38 9.52 7.38 -5.40
C ASP B 38 9.84 8.41 -6.48
N LEU B 39 11.05 8.34 -7.03
CA LEU B 39 11.49 9.22 -8.09
C LEU B 39 11.44 8.40 -9.37
N MET B 40 11.25 9.07 -10.50
CA MET B 40 11.20 8.38 -11.78
C MET B 40 11.46 9.34 -12.90
N ALA B 41 11.67 8.80 -14.09
CA ALA B 41 11.89 9.60 -15.27
C ALA B 41 10.63 9.52 -16.10
N ILE B 42 10.15 10.68 -16.56
CA ILE B 42 8.95 10.70 -17.39
C ILE B 42 9.39 10.50 -18.85
N LEU B 43 9.12 9.31 -19.37
CA LEU B 43 9.50 8.98 -20.73
C LEU B 43 8.58 9.54 -21.79
N SER B 44 7.27 9.53 -21.52
CA SER B 44 6.31 10.02 -22.49
C SER B 44 4.96 10.33 -21.88
N LYS B 45 4.22 11.24 -22.50
CA LYS B 45 2.91 11.63 -22.01
C LYS B 45 1.82 11.26 -23.03
N LYS B 46 2.12 10.26 -23.83
CA LYS B 46 1.21 9.77 -24.84
C LYS B 46 0.95 8.29 -24.61
N ASP B 47 -0.22 7.81 -25.00
CA ASP B 47 -0.58 6.40 -24.81
C ASP B 47 0.10 5.50 -25.87
N PRO B 48 -0.16 4.18 -25.85
CA PRO B 48 0.49 3.31 -26.84
C PRO B 48 0.10 3.61 -28.28
N LEU B 49 -1.10 4.15 -28.48
CA LEU B 49 -1.56 4.51 -29.82
C LEU B 49 -0.96 5.84 -30.32
N GLY B 50 -0.27 6.56 -29.43
CA GLY B 50 0.34 7.82 -29.82
C GLY B 50 -0.45 9.05 -29.40
N ARG B 51 -1.63 8.83 -28.80
CA ARG B 51 -2.53 9.89 -28.34
C ARG B 51 -2.08 10.58 -27.04
N ASP B 52 -2.51 11.82 -26.83
CA ASP B 52 -2.15 12.53 -25.60
C ASP B 52 -2.98 11.84 -24.50
N SER B 53 -2.33 11.35 -23.45
CA SER B 53 -3.06 10.68 -22.38
C SER B 53 -2.73 11.20 -20.97
N ASP B 54 -3.68 11.02 -20.05
CA ASP B 54 -3.49 11.43 -18.66
C ASP B 54 -2.69 10.39 -17.90
N TRP B 55 -2.28 9.34 -18.61
CA TRP B 55 -1.43 8.29 -18.07
C TRP B 55 -0.08 8.54 -18.69
N TRP B 56 0.95 8.68 -17.87
CA TRP B 56 2.26 8.93 -18.41
C TRP B 56 3.18 7.75 -18.21
N LYS B 57 3.94 7.42 -19.25
CA LYS B 57 4.87 6.31 -19.18
C LYS B 57 6.09 6.81 -18.46
N VAL B 58 6.56 6.03 -17.48
CA VAL B 58 7.73 6.42 -16.70
C VAL B 58 8.71 5.28 -16.54
N ARG B 59 9.89 5.60 -16.03
CA ARG B 59 10.92 4.63 -15.79
C ARG B 59 11.36 4.85 -14.36
N THR B 60 10.97 3.93 -13.48
CA THR B 60 11.28 4.01 -12.05
C THR B 60 12.71 3.68 -11.70
N LYS B 61 13.06 3.92 -10.44
CA LYS B 61 14.40 3.64 -9.94
C LYS B 61 14.76 2.17 -10.18
N ASN B 62 13.76 1.28 -10.10
CA ASN B 62 13.97 -0.16 -10.30
C ASN B 62 14.40 -0.43 -11.74
N GLY B 63 13.93 0.42 -12.65
CA GLY B 63 14.22 0.26 -14.07
C GLY B 63 12.96 -0.13 -14.81
N ASN B 64 11.87 -0.29 -14.06
CA ASN B 64 10.59 -0.70 -14.63
C ASN B 64 9.98 0.43 -15.45
N ILE B 65 9.37 0.05 -16.57
CA ILE B 65 8.73 1.04 -17.44
C ILE B 65 7.25 0.74 -17.66
N GLY B 66 6.40 1.62 -17.14
CA GLY B 66 4.97 1.46 -17.29
C GLY B 66 4.28 2.79 -17.13
N TYR B 67 2.96 2.80 -17.21
CA TYR B 67 2.22 4.04 -17.05
C TYR B 67 1.76 4.28 -15.63
N ILE B 68 1.50 5.54 -15.31
CA ILE B 68 1.02 5.91 -13.98
C ILE B 68 0.12 7.10 -14.19
N PRO B 69 -0.91 7.26 -13.35
CA PRO B 69 -1.80 8.42 -13.51
C PRO B 69 -1.01 9.70 -13.27
N TYR B 70 -1.23 10.72 -14.08
CA TYR B 70 -0.47 11.95 -13.94
C TYR B 70 -0.67 12.66 -12.60
N ASN B 71 -1.89 12.58 -12.05
CA ASN B 71 -2.21 13.23 -10.78
C ASN B 71 -1.66 12.49 -9.55
N TYR B 72 -0.98 11.38 -9.79
CA TYR B 72 -0.39 10.61 -8.70
C TYR B 72 1.06 11.01 -8.53
N ILE B 73 1.57 11.82 -9.45
CA ILE B 73 2.97 12.23 -9.39
C ILE B 73 3.15 13.73 -9.45
N GLU B 74 4.32 14.15 -9.02
CA GLU B 74 4.67 15.55 -8.94
C GLU B 74 5.95 15.76 -9.75
N ILE B 75 5.87 16.60 -10.78
CA ILE B 75 7.03 16.89 -11.61
C ILE B 75 7.99 17.77 -10.82
N ILE B 76 9.22 17.32 -10.68
CA ILE B 76 10.21 18.08 -9.94
C ILE B 76 10.60 19.35 -10.70
N LYS B 77 10.41 20.50 -10.05
CA LYS B 77 10.71 21.79 -10.67
C LYS B 77 12.19 22.11 -10.79
N ARG B 78 12.51 23.18 -11.49
CA ARG B 78 13.89 23.59 -11.72
C ARG B 78 14.65 24.16 -10.52
N ARG B 79 15.93 23.82 -10.44
CA ARG B 79 16.88 24.26 -9.41
C ARG B 79 16.69 23.69 -8.03
N LYS B 80 15.51 23.92 -7.45
CA LYS B 80 15.19 23.43 -6.12
C LYS B 80 13.86 23.99 -5.63
N LYS B 81 12.83 23.19 -5.80
CA LYS B 81 11.47 23.51 -5.39
C LYS B 81 10.74 22.19 -5.57
N ILE B 82 11.55 21.21 -6.00
CA ILE B 82 11.20 19.81 -6.25
C ILE B 82 9.71 19.53 -6.36
N SER C 6 -6.10 -25.75 1.35
CA SER C 6 -5.27 -25.78 2.59
C SER C 6 -6.06 -26.24 3.81
N GLU C 7 -6.82 -25.32 4.41
CA GLU C 7 -7.62 -25.62 5.60
C GLU C 7 -9.07 -25.19 5.37
N PRO C 8 -10.01 -25.67 6.23
CA PRO C 8 -11.43 -25.35 6.13
C PRO C 8 -11.75 -23.87 5.99
N ILE C 9 -12.54 -23.55 4.97
CA ILE C 9 -12.95 -22.18 4.68
C ILE C 9 -14.40 -21.94 5.14
N ASP C 10 -14.72 -20.70 5.54
CA ASP C 10 -16.07 -20.38 5.98
C ASP C 10 -16.97 -20.12 4.79
N PRO C 11 -18.14 -20.77 4.75
CA PRO C 11 -19.11 -20.63 3.65
C PRO C 11 -19.54 -19.22 3.30
N SER C 12 -19.06 -18.26 4.08
CA SER C 12 -19.38 -16.85 3.88
C SER C 12 -18.31 -16.18 3.04
N LYS C 13 -17.06 -16.50 3.34
CA LYS C 13 -15.94 -15.89 2.63
C LYS C 13 -15.37 -16.74 1.50
N LEU C 14 -16.18 -17.62 0.94
CA LEU C 14 -15.71 -18.47 -0.15
C LEU C 14 -16.07 -17.80 -1.47
N GLU C 15 -15.06 -17.32 -2.19
CA GLU C 15 -15.26 -16.63 -3.46
C GLU C 15 -14.51 -17.24 -4.64
N PHE C 16 -15.07 -17.07 -5.83
CA PHE C 16 -14.45 -17.55 -7.06
C PHE C 16 -13.99 -16.34 -7.86
N ALA C 17 -12.82 -16.45 -8.48
CA ALA C 17 -12.29 -15.36 -9.27
C ALA C 17 -11.83 -15.84 -10.64
N ARG C 18 -11.73 -14.90 -11.57
CA ARG C 18 -11.28 -15.20 -12.93
C ARG C 18 -10.00 -14.40 -13.12
N ALA C 19 -9.04 -14.98 -13.82
CA ALA C 19 -7.75 -14.33 -14.06
C ALA C 19 -7.86 -13.28 -15.17
N LEU C 20 -7.61 -12.02 -14.83
CA LEU C 20 -7.67 -10.92 -15.79
C LEU C 20 -6.46 -10.85 -16.73
N TYR C 21 -5.30 -11.26 -16.24
CA TYR C 21 -4.09 -11.26 -17.04
C TYR C 21 -3.27 -12.50 -16.73
N ASP C 22 -2.45 -12.93 -17.68
CA ASP C 22 -1.62 -14.10 -17.46
C ASP C 22 -0.65 -13.80 -16.33
N PHE C 23 -0.33 -14.81 -15.54
CA PHE C 23 0.61 -14.67 -14.44
C PHE C 23 1.60 -15.82 -14.44
N VAL C 24 2.89 -15.50 -14.33
CA VAL C 24 3.92 -16.53 -14.31
C VAL C 24 4.43 -16.65 -12.87
N PRO C 25 4.50 -17.88 -12.36
CA PRO C 25 4.96 -18.15 -10.99
C PRO C 25 6.13 -17.27 -10.54
N GLU C 26 6.24 -17.06 -9.24
CA GLU C 26 7.30 -16.25 -8.65
C GLU C 26 8.49 -17.10 -8.21
N GLU C 29 7.66 -21.17 -8.16
CA GLU C 29 7.36 -22.52 -7.69
C GLU C 29 6.93 -22.51 -6.23
N MET C 30 6.73 -21.31 -5.69
CA MET C 30 6.30 -21.14 -4.31
C MET C 30 4.89 -20.54 -4.31
N GLU C 31 4.39 -20.23 -5.51
CA GLU C 31 3.06 -19.67 -5.72
C GLU C 31 2.40 -20.35 -6.92
N VAL C 32 1.28 -19.81 -7.39
CA VAL C 32 0.56 -20.41 -8.51
C VAL C 32 0.65 -19.68 -9.86
N ALA C 33 0.55 -20.46 -10.94
CA ALA C 33 0.60 -19.96 -12.30
C ALA C 33 -0.81 -19.67 -12.82
N LEU C 34 -0.97 -18.59 -13.55
CA LEU C 34 -2.27 -18.23 -14.09
C LEU C 34 -2.25 -17.88 -15.56
N LYS C 35 -3.42 -17.97 -16.17
CA LYS C 35 -3.58 -17.63 -17.57
C LYS C 35 -4.92 -16.94 -17.71
N LYS C 36 -4.89 -15.76 -18.31
CA LYS C 36 -6.09 -14.97 -18.53
C LYS C 36 -7.25 -15.91 -18.82
N GLY C 37 -8.35 -15.72 -18.08
CA GLY C 37 -9.51 -16.56 -18.27
C GLY C 37 -9.71 -17.66 -17.24
N ASP C 38 -8.64 -18.19 -16.67
CA ASP C 38 -8.73 -19.26 -15.67
C ASP C 38 -9.60 -18.92 -14.47
N LEU C 39 -10.25 -19.94 -13.91
CA LEU C 39 -11.08 -19.79 -12.73
C LEU C 39 -10.31 -20.32 -11.53
N MET C 40 -10.67 -19.85 -10.33
CA MET C 40 -10.01 -20.28 -9.11
C MET C 40 -10.89 -19.88 -7.92
N ALA C 41 -10.67 -20.54 -6.78
CA ALA C 41 -11.41 -20.22 -5.58
C ALA C 41 -10.43 -19.46 -4.68
N ILE C 42 -10.89 -18.35 -4.12
CA ILE C 42 -10.06 -17.55 -3.24
C ILE C 42 -10.21 -18.13 -1.84
N LEU C 43 -9.16 -18.79 -1.36
CA LEU C 43 -9.15 -19.43 -0.05
C LEU C 43 -8.87 -18.43 1.07
N SER C 44 -7.94 -17.52 0.83
CA SER C 44 -7.57 -16.54 1.84
C SER C 44 -6.96 -15.26 1.26
N LYS C 45 -7.41 -14.13 1.81
CA LYS C 45 -6.91 -12.80 1.41
C LYS C 45 -5.92 -12.32 2.47
N LYS C 46 -5.07 -13.23 2.93
CA LYS C 46 -4.06 -12.93 3.92
C LYS C 46 -2.78 -13.68 3.55
N ASP C 47 -1.81 -13.69 4.46
CA ASP C 47 -0.55 -14.37 4.20
C ASP C 47 -0.36 -15.52 5.20
N PRO C 48 0.80 -16.21 5.14
CA PRO C 48 1.07 -17.33 6.06
C PRO C 48 1.12 -16.88 7.52
N LEU C 49 0.97 -15.58 7.74
CA LEU C 49 0.98 -14.99 9.07
C LEU C 49 -0.45 -14.66 9.51
N GLY C 50 -1.24 -14.09 8.60
CA GLY C 50 -2.62 -13.79 8.95
C GLY C 50 -2.99 -12.32 8.84
N ARG C 51 -2.08 -11.51 8.30
CA ARG C 51 -2.34 -10.09 8.15
C ARG C 51 -2.74 -9.76 6.72
N ASP C 52 -3.55 -8.70 6.56
CA ASP C 52 -4.01 -8.26 5.24
C ASP C 52 -2.87 -8.19 4.24
N SER C 53 -3.04 -8.82 3.06
CA SER C 53 -1.99 -8.82 2.04
C SER C 53 -2.48 -8.58 0.60
N ASP C 54 -1.53 -8.26 -0.27
CA ASP C 54 -1.81 -8.01 -1.69
C ASP C 54 -1.88 -9.37 -2.38
N TRP C 55 -1.15 -10.32 -1.82
CA TRP C 55 -1.14 -11.67 -2.36
C TRP C 55 -2.27 -12.46 -1.70
N TRP C 56 -2.91 -13.30 -2.49
CA TRP C 56 -4.00 -14.11 -2.00
C TRP C 56 -3.71 -15.59 -2.26
N LYS C 57 -4.25 -16.47 -1.40
CA LYS C 57 -4.03 -17.90 -1.56
C LYS C 57 -5.22 -18.46 -2.34
N VAL C 58 -4.94 -19.23 -3.37
CA VAL C 58 -6.01 -19.75 -4.19
C VAL C 58 -5.85 -21.20 -4.58
N ARG C 59 -6.88 -21.73 -5.23
CA ARG C 59 -6.87 -23.11 -5.70
C ARG C 59 -7.26 -23.06 -7.16
N THR C 60 -6.34 -23.48 -8.02
CA THR C 60 -6.49 -23.53 -9.46
C THR C 60 -7.56 -24.55 -9.82
N LYS C 61 -8.01 -24.51 -11.07
CA LYS C 61 -9.01 -25.46 -11.52
C LYS C 61 -8.37 -26.87 -11.51
N ASN C 62 -7.04 -26.90 -11.57
CA ASN C 62 -6.30 -28.15 -11.56
C ASN C 62 -5.89 -28.60 -10.15
N GLY C 63 -6.44 -27.93 -9.14
CA GLY C 63 -6.15 -28.28 -7.76
C GLY C 63 -4.88 -27.68 -7.20
N ASN C 64 -4.25 -26.81 -7.98
CA ASN C 64 -3.01 -26.19 -7.54
C ASN C 64 -3.31 -25.09 -6.55
N ILE C 65 -2.52 -25.04 -5.48
CA ILE C 65 -2.72 -24.02 -4.47
C ILE C 65 -1.43 -23.20 -4.38
N GLY C 66 -1.58 -21.92 -4.07
CA GLY C 66 -0.45 -21.01 -3.98
C GLY C 66 -0.94 -19.58 -4.01
N TYR C 67 -0.04 -18.62 -3.80
CA TYR C 67 -0.40 -17.20 -3.79
C TYR C 67 -0.30 -16.52 -5.13
N ILE C 68 -1.13 -15.48 -5.32
CA ILE C 68 -1.16 -14.67 -6.54
C ILE C 68 -1.50 -13.20 -6.20
N PRO C 69 -0.94 -12.24 -6.96
CA PRO C 69 -1.22 -10.82 -6.71
C PRO C 69 -2.71 -10.58 -6.93
N TYR C 70 -3.39 -9.97 -5.97
CA TYR C 70 -4.81 -9.76 -6.13
C TYR C 70 -5.25 -8.93 -7.33
N ASN C 71 -4.37 -8.10 -7.89
CA ASN C 71 -4.76 -7.27 -9.04
C ASN C 71 -4.71 -8.00 -10.38
N TYR C 72 -4.35 -9.28 -10.35
CA TYR C 72 -4.32 -10.10 -11.55
C TYR C 72 -5.64 -10.83 -11.72
N ILE C 73 -6.46 -10.78 -10.68
CA ILE C 73 -7.74 -11.47 -10.70
C ILE C 73 -8.92 -10.56 -10.43
N GLU C 74 -10.11 -11.14 -10.54
CA GLU C 74 -11.33 -10.41 -10.33
C GLU C 74 -12.37 -11.36 -9.73
N ILE C 75 -12.87 -11.01 -8.55
CA ILE C 75 -13.88 -11.83 -7.89
C ILE C 75 -15.12 -11.86 -8.76
N ILE C 76 -15.58 -13.06 -9.11
CA ILE C 76 -16.76 -13.22 -9.96
C ILE C 76 -18.07 -12.93 -9.25
N LYS C 77 -19.05 -12.44 -10.00
CA LYS C 77 -20.38 -12.12 -9.49
C LYS C 77 -20.35 -11.05 -8.41
N SER D 6 18.22 -15.17 13.04
CA SER D 6 17.75 -16.00 11.88
C SER D 6 18.78 -16.05 10.74
N GLU D 7 18.30 -15.82 9.52
CA GLU D 7 19.12 -15.84 8.32
C GLU D 7 20.32 -14.88 8.36
N PRO D 8 21.50 -15.35 7.93
CA PRO D 8 22.72 -14.54 7.91
C PRO D 8 22.47 -13.29 7.08
N ILE D 9 22.67 -12.13 7.70
CA ILE D 9 22.43 -10.84 7.06
C ILE D 9 23.61 -10.30 6.26
N ASP D 10 23.30 -9.67 5.12
CA ASP D 10 24.30 -9.07 4.26
C ASP D 10 24.79 -7.82 4.98
N PRO D 11 26.11 -7.65 5.11
CA PRO D 11 26.68 -6.48 5.79
C PRO D 11 26.29 -5.14 5.16
N SER D 12 25.56 -5.20 4.05
CA SER D 12 25.12 -4.00 3.35
C SER D 12 23.73 -3.58 3.81
N LYS D 13 22.85 -4.56 3.95
CA LYS D 13 21.49 -4.29 4.35
C LYS D 13 21.22 -4.41 5.85
N LEU D 14 22.26 -4.42 6.67
CA LEU D 14 22.08 -4.54 8.12
C LEU D 14 21.83 -3.17 8.74
N GLU D 15 20.59 -2.95 9.17
CA GLU D 15 20.20 -1.68 9.76
C GLU D 15 19.65 -1.79 11.18
N PHE D 16 19.88 -0.76 11.98
CA PHE D 16 19.36 -0.72 13.32
C PHE D 16 18.20 0.25 13.35
N ALA D 17 17.14 -0.11 14.08
CA ALA D 17 15.98 0.73 14.18
C ALA D 17 15.64 1.11 15.63
N ARG D 18 14.95 2.23 15.78
CA ARG D 18 14.51 2.71 17.09
C ARG D 18 13.00 2.80 16.96
N ALA D 19 12.29 2.37 17.99
CA ALA D 19 10.83 2.40 17.98
C ALA D 19 10.30 3.81 18.31
N LEU D 20 9.39 4.30 17.48
CA LEU D 20 8.81 5.63 17.65
C LEU D 20 7.62 5.57 18.61
N TYR D 21 6.87 4.49 18.55
CA TYR D 21 5.71 4.33 19.42
C TYR D 21 5.71 2.93 20.05
N ASP D 22 4.95 2.75 21.12
CA ASP D 22 4.86 1.45 21.77
C ASP D 22 4.07 0.53 20.86
N PHE D 23 4.40 -0.75 20.87
CA PHE D 23 3.69 -1.74 20.07
C PHE D 23 3.39 -2.94 20.98
N VAL D 24 2.10 -3.20 21.16
CA VAL D 24 1.67 -4.30 22.01
C VAL D 24 1.25 -5.42 21.05
N PRO D 25 2.01 -6.52 21.02
CA PRO D 25 1.63 -7.60 20.12
C PRO D 25 0.21 -8.06 20.37
N GLU D 26 -0.49 -8.41 19.31
CA GLU D 26 -1.85 -8.92 19.42
C GLU D 26 -1.71 -10.41 19.24
N ASN D 27 -0.73 -10.80 18.44
CA ASN D 27 -0.45 -12.20 18.15
C ASN D 27 1.01 -12.53 18.48
N PRO D 28 1.39 -12.49 19.78
CA PRO D 28 2.75 -12.78 20.26
C PRO D 28 3.37 -14.03 19.65
N GLU D 29 2.62 -14.69 18.78
CA GLU D 29 3.09 -15.88 18.10
C GLU D 29 4.26 -15.43 17.20
N MET D 30 4.04 -14.38 16.42
CA MET D 30 5.05 -13.85 15.49
C MET D 30 5.34 -12.36 15.70
N GLU D 31 4.55 -11.73 16.57
CA GLU D 31 4.71 -10.31 16.86
C GLU D 31 5.60 -10.09 18.07
N VAL D 32 6.44 -9.06 18.01
CA VAL D 32 7.34 -8.77 19.11
C VAL D 32 6.86 -7.51 19.83
N ALA D 33 7.21 -7.39 21.11
CA ALA D 33 6.81 -6.23 21.90
C ALA D 33 7.91 -5.17 21.84
N LEU D 34 7.50 -3.91 21.68
CA LEU D 34 8.45 -2.80 21.60
C LEU D 34 7.96 -1.63 22.41
N LYS D 35 8.89 -0.93 23.05
CA LYS D 35 8.52 0.24 23.82
C LYS D 35 9.19 1.45 23.13
N LYS D 36 8.45 2.56 23.03
CA LYS D 36 8.98 3.76 22.39
C LYS D 36 10.42 4.00 22.77
N GLY D 37 11.29 4.07 21.77
CA GLY D 37 12.71 4.30 22.05
C GLY D 37 13.61 3.08 22.03
N ASP D 38 13.03 1.88 22.00
CA ASP D 38 13.84 0.65 21.98
C ASP D 38 14.68 0.57 20.73
N LEU D 39 15.80 -0.14 20.85
CA LEU D 39 16.72 -0.35 19.76
C LEU D 39 16.52 -1.79 19.28
N MET D 40 16.71 -2.02 17.99
CA MET D 40 16.53 -3.35 17.43
C MET D 40 17.25 -3.47 16.09
N ALA D 41 17.55 -4.70 15.68
CA ALA D 41 18.20 -4.92 14.40
C ALA D 41 17.11 -5.41 13.46
N ILE D 42 17.11 -4.94 12.22
CA ILE D 42 16.12 -5.40 11.27
C ILE D 42 16.64 -6.68 10.60
N LEU D 43 15.90 -7.77 10.77
CA LEU D 43 16.27 -9.08 10.23
C LEU D 43 15.82 -9.28 8.80
N SER D 44 14.76 -8.59 8.43
CA SER D 44 14.22 -8.71 7.07
C SER D 44 13.00 -7.82 6.87
N LYS D 45 12.88 -7.31 5.65
CA LYS D 45 11.75 -6.47 5.28
C LYS D 45 10.76 -7.33 4.49
N LYS D 46 10.94 -8.65 4.55
CA LYS D 46 10.07 -9.58 3.82
C LYS D 46 9.15 -10.41 4.73
N ASP D 47 8.02 -10.81 4.18
CA ASP D 47 7.02 -11.61 4.89
C ASP D 47 7.39 -13.07 4.99
N PRO D 48 6.61 -13.82 5.78
CA PRO D 48 6.84 -15.25 5.99
C PRO D 48 7.18 -15.91 4.64
N LEU D 49 6.32 -15.69 3.65
CA LEU D 49 6.57 -16.24 2.32
C LEU D 49 7.17 -15.11 1.47
N GLY D 50 8.50 -15.17 1.30
CA GLY D 50 9.23 -14.18 0.53
C GLY D 50 8.38 -13.25 -0.32
N ARG D 51 8.43 -11.96 -0.01
CA ARG D 51 7.67 -10.93 -0.74
C ARG D 51 7.63 -9.65 0.08
N ASP D 52 8.05 -8.53 -0.52
CA ASP D 52 8.08 -7.24 0.16
C ASP D 52 6.77 -6.93 0.90
N SER D 53 6.85 -6.85 2.24
CA SER D 53 5.67 -6.56 3.08
C SER D 53 5.92 -5.36 3.99
N ASP D 54 4.86 -4.90 4.65
CA ASP D 54 4.95 -3.75 5.56
C ASP D 54 5.22 -4.14 7.00
N TRP D 55 5.45 -5.44 7.19
CA TRP D 55 5.77 -6.00 8.50
C TRP D 55 7.21 -6.49 8.41
N TRP D 56 8.10 -5.88 9.18
CA TRP D 56 9.50 -6.24 9.17
C TRP D 56 9.86 -7.21 10.32
N LYS D 57 10.83 -8.08 10.06
CA LYS D 57 11.27 -9.04 11.06
C LYS D 57 12.42 -8.38 11.76
N VAL D 58 12.38 -8.37 13.08
CA VAL D 58 13.42 -7.69 13.81
C VAL D 58 13.99 -8.52 14.96
N ARG D 59 15.01 -7.97 15.60
CA ARG D 59 15.62 -8.63 16.73
C ARG D 59 15.68 -7.57 17.82
N THR D 60 15.02 -7.89 18.92
CA THR D 60 14.95 -7.03 20.08
C THR D 60 16.31 -6.98 20.75
N LYS D 61 16.48 -6.03 21.67
CA LYS D 61 17.73 -5.93 22.39
C LYS D 61 17.85 -7.16 23.28
N ASN D 62 16.71 -7.78 23.59
CA ASN D 62 16.69 -8.96 24.43
C ASN D 62 16.80 -10.27 23.62
N GLY D 63 17.07 -10.15 22.32
CA GLY D 63 17.23 -11.30 21.47
C GLY D 63 15.94 -11.87 20.91
N ASN D 64 14.81 -11.21 21.17
CA ASN D 64 13.55 -11.73 20.65
C ASN D 64 13.33 -11.36 19.20
N ILE D 65 13.07 -12.38 18.39
CA ILE D 65 12.81 -12.21 16.96
C ILE D 65 11.31 -12.08 16.81
N GLY D 66 10.86 -11.43 15.75
CA GLY D 66 9.44 -11.26 15.55
C GLY D 66 9.17 -10.18 14.53
N TYR D 67 7.91 -10.08 14.11
CA TYR D 67 7.51 -9.08 13.11
C TYR D 67 6.91 -7.83 13.73
N ILE D 68 7.10 -6.70 13.05
CA ILE D 68 6.56 -5.42 13.50
C ILE D 68 6.21 -4.51 12.30
N PRO D 69 5.15 -3.71 12.44
CA PRO D 69 4.75 -2.81 11.35
C PRO D 69 5.87 -1.79 11.16
N TYR D 70 6.32 -1.62 9.93
CA TYR D 70 7.42 -0.70 9.69
C TYR D 70 7.18 0.76 10.10
N ASN D 71 5.94 1.20 10.20
CA ASN D 71 5.69 2.59 10.58
C ASN D 71 5.78 2.87 12.07
N TYR D 72 6.11 1.83 12.84
CA TYR D 72 6.27 1.98 14.29
C TYR D 72 7.73 2.22 14.61
N ILE D 73 8.58 2.04 13.61
CA ILE D 73 10.00 2.22 13.83
C ILE D 73 10.64 3.23 12.89
N GLU D 74 11.90 3.51 13.15
CA GLU D 74 12.64 4.46 12.35
C GLU D 74 14.07 3.96 12.24
N ILE D 75 14.53 3.78 11.01
CA ILE D 75 15.89 3.33 10.78
C ILE D 75 16.85 4.40 11.28
N ILE D 76 17.75 3.99 12.17
CA ILE D 76 18.74 4.90 12.73
C ILE D 76 19.79 5.12 11.66
N LYS D 77 19.76 6.28 11.02
CA LYS D 77 20.72 6.58 9.97
C LYS D 77 21.91 7.38 10.46
N ARG D 78 23.08 7.09 9.91
CA ARG D 78 24.29 7.82 10.26
C ARG D 78 24.10 9.26 9.82
#